data_1YQ6
#
_entry.id   1YQ6
#
_cell.length_a   127.232
_cell.length_b   127.232
_cell.length_c   108.740
_cell.angle_alpha   90.00
_cell.angle_beta   90.00
_cell.angle_gamma   90.00
#
_symmetry.space_group_name_H-M   'P 41 21 2'
#
loop_
_entity.id
_entity.type
_entity.pdbx_description
1 polymer 'Minor capsid protein'
2 water water
#
_entity_poly.entity_id   1
_entity_poly.type   'polypeptide(L)'
_entity_poly.pdbx_seq_one_letter_code
;GGVTDALSL(MSE)YSTSTGGPASIAANALTDFDLSGALTVNSVGTGLTKSAAGIQLAAGKSGLYQIT(MSE)TVKNNTV
TTGNYLLRVKYGSSDFVVACPASSLTAGGTISLLIYCNVLGVVSLDVLKFSLCNDGAALSNYIINITAAKIN
;
_entity_poly.pdbx_strand_id   A,B,C
#
# COMPACT_ATOMS: atom_id res chain seq x y z
N GLY A 1 15.00 -11.89 -10.49
CA GLY A 1 14.62 -12.32 -11.89
C GLY A 1 13.32 -11.70 -12.39
N GLY A 2 12.75 -10.79 -11.59
CA GLY A 2 11.51 -10.15 -11.98
C GLY A 2 10.30 -10.98 -11.65
N VAL A 3 9.18 -10.69 -12.32
CA VAL A 3 7.95 -11.41 -12.09
C VAL A 3 7.55 -12.11 -13.38
N THR A 4 6.69 -13.13 -13.26
CA THR A 4 6.24 -13.87 -14.44
C THR A 4 5.09 -13.20 -15.16
N ASP A 5 4.24 -12.51 -14.42
CA ASP A 5 3.09 -11.83 -15.04
C ASP A 5 2.82 -10.47 -14.41
N ALA A 6 2.41 -9.52 -15.23
CA ALA A 6 2.12 -8.19 -14.72
C ALA A 6 1.40 -7.38 -15.78
N LEU A 7 0.58 -6.42 -15.33
CA LEU A 7 -0.14 -5.57 -16.24
C LEU A 7 -0.30 -4.22 -15.57
N SER A 8 -0.01 -3.15 -16.30
CA SER A 8 -0.12 -1.81 -15.76
C SER A 8 -0.98 -1.01 -16.74
N LEU A 9 -2.06 -0.43 -16.24
CA LEU A 9 -2.98 0.31 -17.08
C LEU A 9 -3.14 1.77 -16.72
N MSE A 10 -3.55 2.57 -17.70
CA MSE A 10 -3.81 3.99 -17.51
C MSE A 10 -5.27 4.14 -17.97
O MSE A 10 -5.60 3.85 -19.11
CB MSE A 10 -2.87 4.84 -18.37
CG MSE A 10 -2.83 6.30 -17.97
SE MSE A 10 -4.36 7.32 -18.56
CE MSE A 10 -3.83 7.50 -20.50
N TYR A 11 -6.12 4.58 -17.05
CA TYR A 11 -7.54 4.71 -17.26
C TYR A 11 -8.01 6.15 -17.14
N SER A 12 -8.70 6.65 -18.16
CA SER A 12 -9.21 8.02 -18.18
C SER A 12 -10.42 8.10 -19.09
N THR A 13 -11.06 9.28 -19.17
CA THR A 13 -12.22 9.44 -20.03
C THR A 13 -11.85 9.23 -21.50
N SER A 14 -10.56 9.36 -21.80
CA SER A 14 -10.08 9.16 -23.16
C SER A 14 -9.54 7.76 -23.37
N THR A 15 -9.40 7.00 -22.29
CA THR A 15 -8.88 5.65 -22.41
C THR A 15 -9.75 4.60 -21.74
N GLY A 16 -10.98 4.44 -22.25
CA GLY A 16 -11.89 3.44 -21.77
C GLY A 16 -12.75 3.66 -20.53
N GLY A 17 -12.59 4.79 -19.86
CA GLY A 17 -13.36 5.02 -18.65
C GLY A 17 -14.67 5.74 -18.85
N PRO A 18 -15.56 5.72 -17.86
CA PRO A 18 -16.84 6.41 -18.00
C PRO A 18 -16.65 7.91 -18.17
N ALA A 19 -17.49 8.52 -18.99
CA ALA A 19 -17.43 9.96 -19.22
C ALA A 19 -17.59 10.69 -17.90
N SER A 20 -18.21 10.04 -16.93
CA SER A 20 -18.40 10.64 -15.63
C SER A 20 -18.61 9.55 -14.59
N ILE A 21 -17.73 9.49 -13.61
CA ILE A 21 -17.85 8.49 -12.55
C ILE A 21 -18.78 9.08 -11.50
N ALA A 22 -19.94 8.47 -11.36
CA ALA A 22 -20.97 8.93 -10.42
C ALA A 22 -20.45 9.10 -8.99
N ALA A 23 -21.02 10.05 -8.29
CA ALA A 23 -20.64 10.32 -6.91
C ALA A 23 -21.20 9.28 -5.95
N ASN A 24 -20.50 9.09 -4.84
CA ASN A 24 -20.90 8.18 -3.78
C ASN A 24 -21.52 6.85 -4.24
N ALA A 25 -20.80 6.13 -5.08
CA ALA A 25 -21.25 4.83 -5.56
C ALA A 25 -20.04 4.12 -6.12
N LEU A 26 -20.06 2.79 -6.12
CA LEU A 26 -18.94 2.03 -6.64
C LEU A 26 -19.36 1.02 -7.68
N THR A 27 -19.17 1.38 -8.95
CA THR A 27 -19.49 0.49 -10.05
C THR A 27 -18.18 0.00 -10.63
N ASP A 28 -18.02 -1.31 -10.74
CA ASP A 28 -16.78 -1.85 -11.27
C ASP A 28 -16.45 -1.30 -12.65
N PHE A 29 -15.17 -1.06 -12.89
CA PHE A 29 -14.69 -0.50 -14.14
C PHE A 29 -14.52 -1.47 -15.29
N ASP A 30 -14.98 -1.08 -16.46
CA ASP A 30 -14.79 -1.88 -17.67
C ASP A 30 -13.36 -1.45 -18.06
N LEU A 31 -12.41 -2.36 -18.06
CA LEU A 31 -11.04 -2.00 -18.38
C LEU A 31 -10.58 -2.38 -19.79
N SER A 32 -11.51 -2.81 -20.64
CA SER A 32 -11.15 -3.23 -22.00
C SER A 32 -10.52 -2.13 -22.84
N GLY A 33 -10.94 -0.89 -22.62
CA GLY A 33 -10.38 0.21 -23.38
C GLY A 33 -9.29 0.99 -22.67
N ALA A 34 -8.74 0.42 -21.60
CA ALA A 34 -7.69 1.11 -20.87
C ALA A 34 -6.39 1.04 -21.66
N LEU A 35 -5.51 2.01 -21.46
CA LEU A 35 -4.23 2.01 -22.14
C LEU A 35 -3.26 1.09 -21.41
N THR A 36 -2.67 0.16 -22.14
CA THR A 36 -1.72 -0.76 -21.53
C THR A 36 -0.37 -0.04 -21.48
N VAL A 37 0.08 0.31 -20.28
CA VAL A 37 1.35 1.01 -20.09
C VAL A 37 2.52 0.03 -20.13
N ASN A 38 2.32 -1.14 -19.55
CA ASN A 38 3.36 -2.17 -19.51
C ASN A 38 2.68 -3.50 -19.35
N SER A 39 3.28 -4.53 -19.94
CA SER A 39 2.70 -5.86 -19.89
C SER A 39 3.80 -6.91 -19.79
N VAL A 40 3.61 -7.89 -18.94
CA VAL A 40 4.58 -8.96 -18.78
C VAL A 40 3.85 -10.29 -18.76
N GLY A 41 4.25 -11.20 -19.64
CA GLY A 41 3.61 -12.51 -19.68
C GLY A 41 2.21 -12.43 -20.25
N THR A 42 1.41 -13.47 -20.03
CA THR A 42 0.06 -13.50 -20.56
C THR A 42 -0.99 -13.89 -19.51
N GLY A 43 -0.57 -13.98 -18.26
CA GLY A 43 -1.48 -14.36 -17.19
C GLY A 43 -2.46 -13.29 -16.72
N LEU A 44 -2.13 -12.02 -16.96
CA LEU A 44 -2.99 -10.92 -16.56
C LEU A 44 -3.40 -10.13 -17.79
N THR A 45 -4.69 -10.07 -18.06
CA THR A 45 -5.16 -9.34 -19.24
C THR A 45 -6.38 -8.51 -18.89
N LYS A 46 -6.50 -7.33 -19.51
CA LYS A 46 -7.63 -6.47 -19.24
C LYS A 46 -8.88 -6.99 -19.91
N SER A 47 -10.04 -6.64 -19.35
CA SER A 47 -11.31 -7.07 -19.92
C SER A 47 -12.41 -6.16 -19.42
N ALA A 48 -13.63 -6.39 -19.89
CA ALA A 48 -14.77 -5.58 -19.50
C ALA A 48 -15.09 -5.77 -18.02
N ALA A 49 -14.57 -6.85 -17.43
CA ALA A 49 -14.82 -7.14 -16.02
C ALA A 49 -13.72 -6.61 -15.07
N GLY A 50 -12.51 -6.42 -15.58
CA GLY A 50 -11.41 -5.93 -14.77
C GLY A 50 -10.12 -6.52 -15.30
N ILE A 51 -9.34 -7.19 -14.45
CA ILE A 51 -8.12 -7.81 -14.92
C ILE A 51 -8.27 -9.31 -14.71
N GLN A 52 -8.28 -10.05 -15.80
CA GLN A 52 -8.45 -11.51 -15.79
C GLN A 52 -7.18 -12.26 -15.42
N LEU A 53 -7.34 -13.33 -14.64
CA LEU A 53 -6.21 -14.17 -14.28
C LEU A 53 -6.36 -15.44 -15.10
N ALA A 54 -5.30 -15.84 -15.79
CA ALA A 54 -5.35 -17.03 -16.64
C ALA A 54 -5.34 -18.28 -15.78
N ALA A 55 -5.78 -19.39 -16.36
CA ALA A 55 -5.83 -20.65 -15.63
C ALA A 55 -4.44 -21.03 -15.15
N GLY A 56 -4.37 -21.70 -14.00
CA GLY A 56 -3.10 -22.12 -13.46
C GLY A 56 -2.29 -21.00 -12.82
N LYS A 57 -2.85 -19.80 -12.75
CA LYS A 57 -2.14 -18.66 -12.18
C LYS A 57 -2.44 -18.32 -10.72
N SER A 58 -2.75 -19.31 -9.89
CA SER A 58 -3.01 -19.01 -8.48
C SER A 58 -1.71 -18.52 -7.86
N GLY A 59 -1.82 -17.66 -6.84
CA GLY A 59 -0.62 -17.17 -6.21
C GLY A 59 -0.77 -15.82 -5.53
N LEU A 60 0.37 -15.20 -5.24
CA LEU A 60 0.40 -13.90 -4.58
C LEU A 60 0.45 -12.76 -5.59
N TYR A 61 -0.46 -11.80 -5.43
CA TYR A 61 -0.52 -10.66 -6.33
C TYR A 61 -0.37 -9.31 -5.64
N GLN A 62 0.46 -8.45 -6.23
CA GLN A 62 0.68 -7.10 -5.72
C GLN A 62 -0.17 -6.20 -6.60
N ILE A 63 -1.06 -5.42 -5.99
CA ILE A 63 -1.97 -4.57 -6.72
C ILE A 63 -1.98 -3.13 -6.23
N THR A 64 -2.06 -2.19 -7.16
CA THR A 64 -2.14 -0.79 -6.80
C THR A 64 -3.07 -0.06 -7.74
N MSE A 65 -3.90 0.79 -7.18
CA MSE A 65 -4.79 1.61 -7.98
C MSE A 65 -4.71 3.00 -7.40
O MSE A 65 -4.85 3.19 -6.19
CB MSE A 65 -6.24 1.13 -7.93
CG MSE A 65 -7.18 2.10 -8.65
SE MSE A 65 -9.00 1.48 -8.89
CE MSE A 65 -9.42 1.07 -7.02
N THR A 66 -4.46 3.98 -8.25
CA THR A 66 -4.38 5.35 -7.80
C THR A 66 -5.25 6.25 -8.67
N VAL A 67 -5.62 7.40 -8.12
CA VAL A 67 -6.43 8.34 -8.87
C VAL A 67 -6.09 9.79 -8.54
N LYS A 68 -6.14 10.64 -9.56
CA LYS A 68 -5.93 12.06 -9.41
C LYS A 68 -7.04 12.69 -10.25
N ASN A 69 -7.77 13.62 -9.64
CA ASN A 69 -8.84 14.33 -10.31
C ASN A 69 -8.75 15.68 -9.61
N ASN A 70 -7.77 16.47 -10.04
CA ASN A 70 -7.46 17.75 -9.44
C ASN A 70 -8.57 18.78 -9.28
N THR A 71 -9.68 18.60 -10.00
CA THR A 71 -10.79 19.54 -9.89
C THR A 71 -11.73 19.20 -8.74
N VAL A 72 -11.58 18.01 -8.18
CA VAL A 72 -12.40 17.59 -7.04
C VAL A 72 -11.49 17.47 -5.83
N THR A 73 -11.55 18.48 -4.97
CA THR A 73 -10.68 18.54 -3.80
C THR A 73 -11.39 18.43 -2.46
N THR A 74 -12.64 17.98 -2.48
CA THR A 74 -13.41 17.84 -1.25
C THR A 74 -13.93 16.42 -1.07
N GLY A 75 -14.48 16.13 0.11
CA GLY A 75 -14.99 14.79 0.38
C GLY A 75 -13.87 13.75 0.50
N ASN A 76 -14.23 12.49 0.34
CA ASN A 76 -13.26 11.40 0.41
C ASN A 76 -13.28 10.59 -0.86
N TYR A 77 -12.11 10.14 -1.28
CA TYR A 77 -12.04 9.30 -2.46
C TYR A 77 -12.18 7.88 -1.92
N LEU A 78 -13.10 7.11 -2.49
CA LEU A 78 -13.33 5.74 -2.04
C LEU A 78 -12.78 4.78 -3.08
N LEU A 79 -11.90 3.87 -2.66
CA LEU A 79 -11.34 2.91 -3.58
C LEU A 79 -11.63 1.48 -3.16
N ARG A 80 -11.87 0.61 -4.15
CA ARG A 80 -12.17 -0.77 -3.85
C ARG A 80 -11.60 -1.74 -4.86
N VAL A 81 -11.08 -2.86 -4.37
CA VAL A 81 -10.55 -3.92 -5.22
C VAL A 81 -11.22 -5.20 -4.76
N LYS A 82 -11.66 -6.02 -5.71
CA LYS A 82 -12.32 -7.26 -5.34
C LYS A 82 -11.74 -8.44 -6.08
N TYR A 83 -11.86 -9.61 -5.47
CA TYR A 83 -11.40 -10.83 -6.08
C TYR A 83 -12.18 -11.96 -5.45
N GLY A 84 -13.04 -12.59 -6.24
CA GLY A 84 -13.85 -13.67 -5.71
C GLY A 84 -14.76 -13.13 -4.63
N SER A 85 -14.80 -13.79 -3.49
CA SER A 85 -15.66 -13.35 -2.39
C SER A 85 -15.04 -12.25 -1.52
N SER A 86 -13.76 -11.96 -1.72
CA SER A 86 -13.08 -10.94 -0.92
C SER A 86 -13.10 -9.57 -1.58
N ASP A 87 -13.19 -8.52 -0.78
CA ASP A 87 -13.14 -7.18 -1.31
C ASP A 87 -12.31 -6.36 -0.32
N PHE A 88 -11.54 -5.41 -0.83
CA PHE A 88 -10.68 -4.60 0.01
C PHE A 88 -10.97 -3.14 -0.26
N VAL A 89 -11.04 -2.34 0.79
CA VAL A 89 -11.38 -0.94 0.64
C VAL A 89 -10.50 0.03 1.42
N VAL A 90 -10.60 1.30 1.05
CA VAL A 90 -9.88 2.37 1.72
C VAL A 90 -10.55 3.67 1.34
N ALA A 91 -10.47 4.66 2.23
CA ALA A 91 -11.05 5.97 1.99
C ALA A 91 -9.91 6.97 2.14
N CYS A 92 -9.82 7.92 1.22
CA CYS A 92 -8.76 8.91 1.27
C CYS A 92 -9.29 10.32 1.25
N PRO A 93 -9.19 11.05 2.37
CA PRO A 93 -9.67 12.43 2.43
C PRO A 93 -9.04 13.30 1.33
N ALA A 94 -9.90 14.02 0.62
CA ALA A 94 -9.46 14.88 -0.46
C ALA A 94 -9.05 16.26 0.05
N SER A 95 -8.12 16.86 -0.67
CA SER A 95 -7.65 18.21 -0.35
C SER A 95 -7.04 18.72 -1.64
N SER A 96 -6.71 19.99 -1.67
CA SER A 96 -6.11 20.57 -2.85
C SER A 96 -4.73 19.96 -3.08
N LEU A 97 -4.06 19.56 -2.00
CA LEU A 97 -2.73 18.95 -2.10
C LEU A 97 -2.80 17.47 -2.38
N THR A 98 -3.94 16.86 -2.04
CA THR A 98 -4.14 15.43 -2.26
C THR A 98 -5.49 15.19 -2.92
N ALA A 99 -5.60 15.62 -4.18
CA ALA A 99 -6.83 15.47 -4.96
C ALA A 99 -6.99 14.08 -5.56
N GLY A 100 -7.09 13.08 -4.70
CA GLY A 100 -7.23 11.72 -5.18
C GLY A 100 -6.97 10.74 -4.06
N GLY A 101 -6.55 9.53 -4.41
CA GLY A 101 -6.30 8.53 -3.39
C GLY A 101 -5.49 7.35 -3.88
N THR A 102 -5.19 6.44 -2.97
CA THR A 102 -4.39 5.27 -3.29
C THR A 102 -4.76 4.04 -2.49
N ILE A 103 -4.72 2.88 -3.13
CA ILE A 103 -4.96 1.63 -2.44
C ILE A 103 -3.98 0.62 -3.01
N SER A 104 -3.23 -0.03 -2.13
CA SER A 104 -2.25 -1.03 -2.53
C SER A 104 -2.48 -2.29 -1.73
N LEU A 105 -2.30 -3.44 -2.37
CA LEU A 105 -2.56 -4.72 -1.72
C LEU A 105 -1.67 -5.86 -2.16
N LEU A 106 -1.37 -6.75 -1.22
CA LEU A 106 -0.64 -7.96 -1.51
C LEU A 106 -1.66 -9.01 -1.06
N ILE A 107 -2.30 -9.67 -2.01
CA ILE A 107 -3.31 -10.67 -1.67
C ILE A 107 -3.05 -12.01 -2.33
N TYR A 108 -3.65 -13.06 -1.78
CA TYR A 108 -3.50 -14.37 -2.38
C TYR A 108 -4.72 -14.55 -3.27
N CYS A 109 -4.50 -15.00 -4.50
CA CYS A 109 -5.60 -15.21 -5.44
C CYS A 109 -5.69 -16.66 -5.85
N ASN A 110 -6.84 -17.28 -5.61
CA ASN A 110 -7.06 -18.67 -6.00
C ASN A 110 -7.78 -18.62 -7.35
N VAL A 111 -7.24 -19.30 -8.35
CA VAL A 111 -7.83 -19.32 -9.67
C VAL A 111 -8.62 -20.60 -9.87
N LEU A 112 -9.94 -20.47 -9.99
CA LEU A 112 -10.82 -21.62 -10.16
C LEU A 112 -10.93 -22.10 -11.59
N GLY A 113 -10.64 -21.22 -12.55
CA GLY A 113 -10.73 -21.62 -13.93
C GLY A 113 -12.11 -21.27 -14.44
N VAL A 114 -12.66 -20.19 -13.89
CA VAL A 114 -13.96 -19.70 -14.29
C VAL A 114 -13.79 -18.22 -14.59
N VAL A 115 -13.34 -17.92 -15.82
CA VAL A 115 -13.04 -16.56 -16.26
C VAL A 115 -13.89 -15.48 -15.61
N SER A 116 -15.17 -15.76 -15.47
CA SER A 116 -16.06 -14.76 -14.90
C SER A 116 -15.96 -14.64 -13.38
N LEU A 117 -15.14 -15.50 -12.78
CA LEU A 117 -14.92 -15.47 -11.33
C LEU A 117 -13.47 -15.10 -11.02
N ASP A 118 -12.54 -15.56 -11.88
CA ASP A 118 -11.12 -15.28 -11.70
C ASP A 118 -10.74 -13.92 -12.27
N VAL A 119 -11.27 -12.86 -11.66
CA VAL A 119 -10.97 -11.53 -12.15
C VAL A 119 -10.84 -10.49 -11.03
N LEU A 120 -9.82 -9.64 -11.16
CA LEU A 120 -9.61 -8.57 -10.19
C LEU A 120 -10.51 -7.45 -10.63
N LYS A 121 -11.38 -6.98 -9.74
CA LYS A 121 -12.30 -5.90 -10.09
C LYS A 121 -11.87 -4.61 -9.41
N PHE A 122 -12.07 -3.49 -10.09
CA PHE A 122 -11.66 -2.20 -9.57
C PHE A 122 -12.73 -1.15 -9.65
N SER A 123 -12.75 -0.26 -8.67
CA SER A 123 -13.73 0.81 -8.67
C SER A 123 -13.31 1.86 -7.67
N LEU A 124 -13.71 3.10 -7.93
CA LEU A 124 -13.39 4.19 -7.04
C LEU A 124 -14.37 5.31 -7.35
N CYS A 125 -14.40 6.32 -6.49
CA CYS A 125 -15.27 7.46 -6.70
C CYS A 125 -14.96 8.45 -5.62
N ASN A 126 -15.68 9.57 -5.61
CA ASN A 126 -15.54 10.57 -4.57
C ASN A 126 -16.91 10.52 -3.94
N ASP A 127 -16.99 10.60 -2.61
CA ASP A 127 -18.30 10.51 -1.96
C ASP A 127 -19.16 11.74 -2.08
N GLY A 128 -18.62 12.83 -2.62
CA GLY A 128 -19.42 14.04 -2.73
C GLY A 128 -19.49 14.70 -4.09
N ALA A 129 -18.80 14.14 -5.08
CA ALA A 129 -18.82 14.74 -6.41
C ALA A 129 -18.48 13.71 -7.48
N ALA A 130 -18.92 13.99 -8.69
CA ALA A 130 -18.64 13.10 -9.81
C ALA A 130 -17.24 13.40 -10.31
N LEU A 131 -16.61 12.41 -10.95
CA LEU A 131 -15.26 12.59 -11.47
C LEU A 131 -15.27 12.49 -12.98
N SER A 132 -14.82 13.54 -13.67
CA SER A 132 -14.78 13.53 -15.13
C SER A 132 -13.46 14.13 -15.61
N ASN A 133 -12.50 14.20 -14.69
CA ASN A 133 -11.20 14.78 -14.98
C ASN A 133 -10.14 13.95 -14.26
N TYR A 134 -10.20 12.64 -14.45
CA TYR A 134 -9.30 11.76 -13.74
C TYR A 134 -8.25 11.00 -14.52
N ILE A 135 -7.16 10.68 -13.84
CA ILE A 135 -6.09 9.87 -14.41
C ILE A 135 -6.02 8.76 -13.38
N ILE A 136 -6.31 7.54 -13.82
CA ILE A 136 -6.31 6.40 -12.92
C ILE A 136 -5.27 5.41 -13.42
N ASN A 137 -4.50 4.85 -12.50
CA ASN A 137 -3.50 3.87 -12.86
C ASN A 137 -3.77 2.61 -12.08
N ILE A 138 -3.75 1.47 -12.76
CA ILE A 138 -3.98 0.19 -12.12
C ILE A 138 -2.88 -0.75 -12.56
N THR A 139 -2.15 -1.27 -11.58
CA THR A 139 -1.08 -2.20 -11.87
C THR A 139 -1.20 -3.44 -11.00
N ALA A 140 -1.01 -4.60 -11.61
CA ALA A 140 -1.08 -5.85 -10.88
C ALA A 140 0.10 -6.69 -11.32
N ALA A 141 0.74 -7.35 -10.37
CA ALA A 141 1.88 -8.20 -10.68
C ALA A 141 1.83 -9.45 -9.81
N LYS A 142 2.09 -10.59 -10.44
CA LYS A 142 2.11 -11.87 -9.73
C LYS A 142 3.53 -11.99 -9.18
N ILE A 143 3.70 -11.97 -7.86
CA ILE A 143 5.04 -12.07 -7.31
C ILE A 143 5.42 -13.47 -6.85
N ASN A 144 4.47 -14.41 -6.92
CA ASN A 144 4.72 -15.79 -6.55
C ASN A 144 3.61 -16.69 -7.07
N GLY B 1 14.39 -15.26 -6.03
CA GLY B 1 15.83 -14.80 -6.15
C GLY B 1 16.04 -13.36 -5.68
N GLY B 2 14.98 -12.76 -5.12
CA GLY B 2 15.11 -11.39 -4.65
C GLY B 2 14.90 -10.38 -5.75
N VAL B 3 15.39 -9.16 -5.51
CA VAL B 3 15.24 -8.09 -6.49
C VAL B 3 16.63 -7.64 -6.91
N THR B 4 16.72 -6.98 -8.07
CA THR B 4 17.99 -6.52 -8.58
C THR B 4 18.43 -5.19 -7.98
N ASP B 5 17.47 -4.34 -7.66
CA ASP B 5 17.79 -3.03 -7.09
C ASP B 5 16.81 -2.64 -5.98
N ALA B 6 17.31 -1.96 -4.96
CA ALA B 6 16.45 -1.54 -3.87
C ALA B 6 17.18 -0.57 -2.96
N LEU B 7 16.45 0.31 -2.32
CA LEU B 7 17.05 1.28 -1.42
C LEU B 7 16.04 1.56 -0.33
N SER B 8 16.49 1.54 0.92
CA SER B 8 15.61 1.80 2.04
C SER B 8 16.27 2.88 2.87
N LEU B 9 15.56 3.98 3.11
CA LEU B 9 16.11 5.11 3.85
C LEU B 9 15.37 5.46 5.13
N MSE B 10 16.08 6.10 6.04
CA MSE B 10 15.50 6.56 7.29
C MSE B 10 15.78 8.07 7.27
O MSE B 10 16.92 8.50 7.21
CB MSE B 10 16.17 5.89 8.48
CG MSE B 10 15.41 6.03 9.78
SE MSE B 10 15.59 7.79 10.59
CE MSE B 10 17.46 7.53 11.32
N TYR B 11 14.70 8.85 7.31
CA TYR B 11 14.76 10.30 7.22
C TYR B 11 14.23 10.97 8.48
N SER B 12 15.03 11.85 9.07
CA SER B 12 14.64 12.57 10.30
C SER B 12 15.41 13.90 10.36
N THR B 13 15.12 14.71 11.37
CA THR B 13 15.81 15.99 11.51
C THR B 13 17.31 15.77 11.72
N SER B 14 17.68 14.58 12.17
CA SER B 14 19.09 14.24 12.40
C SER B 14 19.69 13.54 11.21
N THR B 15 18.85 13.13 10.27
CA THR B 15 19.36 12.42 9.12
C THR B 15 18.94 13.02 7.78
N GLY B 16 19.34 14.26 7.56
CA GLY B 16 19.07 14.94 6.29
C GLY B 16 17.75 15.64 6.03
N GLY B 17 16.83 15.61 6.98
CA GLY B 17 15.54 16.23 6.76
C GLY B 17 15.44 17.65 7.26
N PRO B 18 14.42 18.39 6.82
CA PRO B 18 14.26 19.78 7.28
C PRO B 18 14.04 19.85 8.77
N ALA B 19 14.61 20.88 9.41
CA ALA B 19 14.48 21.06 10.84
C ALA B 19 13.00 21.16 11.20
N SER B 20 12.19 21.55 10.23
CA SER B 20 10.76 21.67 10.45
C SER B 20 10.03 21.58 9.13
N ILE B 21 9.17 20.58 8.99
CA ILE B 21 8.41 20.39 7.77
C ILE B 21 7.18 21.26 7.90
N ALA B 22 7.09 22.29 7.06
CA ALA B 22 5.99 23.25 7.09
C ALA B 22 4.63 22.59 7.00
N ALA B 23 3.64 23.21 7.63
CA ALA B 23 2.29 22.70 7.63
C ALA B 23 1.58 22.98 6.30
N ASN B 24 0.61 22.11 5.98
CA ASN B 24 -0.21 22.24 4.78
C ASN B 24 0.53 22.67 3.51
N ALA B 25 1.59 21.97 3.16
CA ALA B 25 2.36 22.28 1.96
C ALA B 25 3.18 21.04 1.65
N LEU B 26 3.53 20.85 0.38
CA LEU B 26 4.30 19.69 -0.02
C LEU B 26 5.54 20.08 -0.81
N THR B 27 6.69 20.11 -0.14
CA THR B 27 7.95 20.43 -0.78
C THR B 27 8.73 19.13 -0.86
N ASP B 28 9.21 18.79 -2.05
CA ASP B 28 9.96 17.56 -2.20
C ASP B 28 11.15 17.49 -1.26
N PHE B 29 11.45 16.30 -0.77
CA PHE B 29 12.53 16.07 0.18
C PHE B 29 13.91 15.89 -0.44
N ASP B 30 14.90 16.56 0.14
CA ASP B 30 16.28 16.39 -0.29
C ASP B 30 16.66 15.12 0.47
N LEU B 31 16.98 14.04 -0.22
CA LEU B 31 17.31 12.79 0.47
C LEU B 31 18.80 12.45 0.52
N SER B 32 19.66 13.40 0.14
CA SER B 32 21.10 13.15 0.13
C SER B 32 21.67 12.82 1.51
N GLY B 33 21.10 13.39 2.56
CA GLY B 33 21.59 13.13 3.91
C GLY B 33 20.77 12.11 4.68
N ALA B 34 19.95 11.33 3.98
CA ALA B 34 19.16 10.33 4.65
C ALA B 34 20.03 9.13 5.00
N LEU B 35 19.67 8.42 6.06
CA LEU B 35 20.43 7.23 6.47
C LEU B 35 20.05 6.05 5.59
N THR B 36 21.05 5.42 4.98
CA THR B 36 20.78 4.25 4.15
C THR B 36 20.65 3.04 5.06
N VAL B 37 19.44 2.52 5.19
CA VAL B 37 19.18 1.36 6.05
C VAL B 37 19.56 0.06 5.35
N ASN B 38 19.30 -0.01 4.05
CA ASN B 38 19.61 -1.19 3.25
C ASN B 38 19.75 -0.75 1.81
N SER B 39 20.62 -1.42 1.09
CA SER B 39 20.86 -1.08 -0.30
C SER B 39 21.14 -2.34 -1.12
N VAL B 40 20.55 -2.42 -2.31
CA VAL B 40 20.77 -3.56 -3.16
C VAL B 40 21.04 -3.05 -4.57
N GLY B 41 22.16 -3.48 -5.16
CA GLY B 41 22.48 -3.06 -6.51
C GLY B 41 22.89 -1.60 -6.55
N THR B 42 22.88 -1.02 -7.75
CA THR B 42 23.28 0.37 -7.90
C THR B 42 22.30 1.21 -8.71
N GLY B 43 21.15 0.62 -9.05
CA GLY B 43 20.14 1.32 -9.82
C GLY B 43 19.34 2.38 -9.09
N LEU B 44 19.27 2.29 -7.78
CA LEU B 44 18.52 3.27 -6.99
C LEU B 44 19.46 3.94 -6.00
N THR B 45 19.61 5.25 -6.10
CA THR B 45 20.51 5.95 -5.20
C THR B 45 19.87 7.24 -4.71
N LYS B 46 20.15 7.62 -3.48
CA LYS B 46 19.56 8.84 -2.93
C LYS B 46 20.24 10.08 -3.52
N SER B 47 19.54 11.20 -3.53
CA SER B 47 20.08 12.44 -4.04
C SER B 47 19.27 13.60 -3.50
N ALA B 48 19.70 14.81 -3.83
CA ALA B 48 19.01 16.01 -3.36
C ALA B 48 17.62 16.11 -3.97
N ALA B 49 17.36 15.35 -5.03
CA ALA B 49 16.07 15.37 -5.71
C ALA B 49 15.11 14.27 -5.23
N GLY B 50 15.64 13.17 -4.71
CA GLY B 50 14.82 12.08 -4.23
C GLY B 50 15.58 10.79 -4.42
N ILE B 51 15.00 9.82 -5.13
CA ILE B 51 15.71 8.58 -5.37
C ILE B 51 15.89 8.46 -6.88
N GLN B 52 17.15 8.47 -7.32
CA GLN B 52 17.50 8.41 -8.73
C GLN B 52 17.44 7.01 -9.29
N LEU B 53 16.97 6.90 -10.54
CA LEU B 53 16.92 5.60 -11.21
C LEU B 53 18.04 5.66 -12.25
N ALA B 54 18.90 4.65 -12.26
CA ALA B 54 20.00 4.61 -13.21
C ALA B 54 19.50 4.30 -14.60
N ALA B 55 20.29 4.66 -15.61
CA ALA B 55 19.91 4.40 -16.99
C ALA B 55 19.67 2.92 -17.21
N GLY B 56 18.75 2.60 -18.12
CA GLY B 56 18.43 1.21 -18.43
C GLY B 56 17.59 0.53 -17.37
N LYS B 57 17.18 1.26 -16.33
CA LYS B 57 16.39 0.66 -15.25
C LYS B 57 14.86 0.81 -15.33
N SER B 58 14.31 0.85 -16.53
CA SER B 58 12.87 0.97 -16.65
C SER B 58 12.23 -0.31 -16.09
N GLY B 59 11.03 -0.20 -15.55
CA GLY B 59 10.37 -1.36 -15.00
C GLY B 59 9.37 -1.08 -13.91
N LEU B 60 9.02 -2.14 -13.17
CA LEU B 60 8.05 -2.05 -12.07
C LEU B 60 8.73 -1.78 -10.74
N TYR B 61 8.24 -0.76 -10.03
CA TYR B 61 8.82 -0.40 -8.74
C TYR B 61 7.82 -0.41 -7.59
N GLN B 62 8.22 -1.02 -6.48
CA GLN B 62 7.39 -1.09 -5.28
C GLN B 62 7.95 0.00 -4.37
N ILE B 63 7.08 0.92 -3.94
CA ILE B 63 7.50 2.03 -3.12
C ILE B 63 6.65 2.22 -1.87
N THR B 64 7.29 2.56 -0.77
CA THR B 64 6.58 2.82 0.46
C THR B 64 7.21 3.96 1.21
N MSE B 65 6.38 4.85 1.73
CA MSE B 65 6.86 5.95 2.53
C MSE B 65 5.95 6.02 3.73
O MSE B 65 4.74 6.04 3.59
CB MSE B 65 6.82 7.27 1.79
CG MSE B 65 7.18 8.44 2.70
SE MSE B 65 7.44 10.14 1.79
CE MSE B 65 5.69 10.29 0.93
N THR B 66 6.54 6.05 4.93
CA THR B 66 5.76 6.13 6.14
C THR B 66 6.28 7.22 7.04
N VAL B 67 5.44 7.70 7.94
CA VAL B 67 5.84 8.74 8.86
C VAL B 67 5.17 8.59 10.22
N LYS B 68 5.93 8.90 11.27
CA LYS B 68 5.43 8.90 12.63
C LYS B 68 5.99 10.21 13.21
N ASN B 69 5.10 10.98 13.84
CA ASN B 69 5.47 12.23 14.48
C ASN B 69 4.46 12.27 15.60
N ASN B 70 4.73 11.49 16.63
CA ASN B 70 3.84 11.32 17.78
C ASN B 70 3.34 12.55 18.51
N THR B 71 3.98 13.69 18.31
CA THR B 71 3.55 14.92 18.97
C THR B 71 2.45 15.63 18.18
N VAL B 72 2.22 15.22 16.93
CA VAL B 72 1.18 15.82 16.11
C VAL B 72 0.11 14.76 15.87
N THR B 73 -0.98 14.86 16.62
CA THR B 73 -2.04 13.88 16.55
C THR B 73 -3.37 14.40 15.99
N THR B 74 -3.34 15.55 15.32
CA THR B 74 -4.55 16.13 14.75
C THR B 74 -4.38 16.38 13.26
N GLY B 75 -5.49 16.71 12.59
CA GLY B 75 -5.45 16.97 11.16
C GLY B 75 -5.20 15.71 10.36
N ASN B 76 -4.74 15.87 9.12
CA ASN B 76 -4.45 14.74 8.26
C ASN B 76 -3.02 14.78 7.80
N TYR B 77 -2.39 13.61 7.69
CA TYR B 77 -1.04 13.56 7.18
C TYR B 77 -1.20 13.41 5.67
N LEU B 78 -0.52 14.26 4.90
CA LEU B 78 -0.61 14.22 3.45
C LEU B 78 0.67 13.66 2.88
N LEU B 79 0.58 12.60 2.09
CA LEU B 79 1.77 12.00 1.49
C LEU B 79 1.71 12.01 -0.02
N ARG B 80 2.86 12.21 -0.66
CA ARG B 80 2.90 12.26 -2.10
C ARG B 80 4.18 11.68 -2.67
N VAL B 81 4.03 10.95 -3.77
CA VAL B 81 5.16 10.36 -4.46
C VAL B 81 5.01 10.77 -5.91
N LYS B 82 6.10 11.19 -6.55
CA LYS B 82 6.01 11.58 -7.96
C LYS B 82 7.07 10.91 -8.79
N TYR B 83 6.78 10.75 -10.07
CA TYR B 83 7.72 10.19 -11.00
C TYR B 83 7.34 10.70 -12.37
N GLY B 84 8.20 11.54 -12.95
CA GLY B 84 7.90 12.09 -14.25
C GLY B 84 6.64 12.92 -14.16
N SER B 85 5.71 12.72 -15.07
CA SER B 85 4.46 13.50 -15.08
C SER B 85 3.39 12.95 -14.13
N SER B 86 3.61 11.77 -13.57
CA SER B 86 2.64 11.17 -12.66
C SER B 86 2.92 11.49 -11.20
N ASP B 87 1.87 11.67 -10.42
CA ASP B 87 2.04 11.90 -9.00
C ASP B 87 0.95 11.10 -8.29
N PHE B 88 1.27 10.54 -7.14
CA PHE B 88 0.31 9.72 -6.40
C PHE B 88 0.17 10.28 -5.00
N VAL B 89 -1.05 10.33 -4.50
CA VAL B 89 -1.30 10.91 -3.20
C VAL B 89 -2.23 10.10 -2.29
N VAL B 90 -2.21 10.45 -1.02
CA VAL B 90 -3.07 9.83 -0.03
C VAL B 90 -3.11 10.74 1.18
N ALA B 91 -4.22 10.72 1.91
CA ALA B 91 -4.38 11.51 3.12
C ALA B 91 -4.69 10.56 4.25
N CYS B 92 -4.05 10.73 5.39
CA CYS B 92 -4.27 9.83 6.51
C CYS B 92 -4.66 10.57 7.78
N PRO B 93 -5.92 10.46 8.21
CA PRO B 93 -6.36 11.15 9.43
C PRO B 93 -5.50 10.80 10.62
N ALA B 94 -5.05 11.83 11.33
CA ALA B 94 -4.22 11.68 12.50
C ALA B 94 -5.02 11.43 13.75
N SER B 95 -4.42 10.71 14.69
CA SER B 95 -5.04 10.43 15.98
C SER B 95 -3.88 10.08 16.89
N SER B 96 -4.17 9.97 18.17
CA SER B 96 -3.13 9.61 19.12
C SER B 96 -2.63 8.18 18.86
N LEU B 97 -3.51 7.33 18.35
CA LEU B 97 -3.14 5.95 18.03
C LEU B 97 -2.50 5.83 16.65
N THR B 98 -2.74 6.80 15.79
CA THR B 98 -2.18 6.79 14.44
C THR B 98 -1.59 8.16 14.11
N ALA B 99 -0.50 8.49 14.80
CA ALA B 99 0.18 9.77 14.64
C ALA B 99 1.10 9.78 13.43
N GLY B 100 0.54 9.60 12.25
CA GLY B 100 1.35 9.58 11.03
C GLY B 100 0.55 9.03 9.88
N GLY B 101 1.23 8.48 8.89
CA GLY B 101 0.52 7.96 7.74
C GLY B 101 1.37 7.03 6.88
N THR B 102 0.75 6.48 5.86
CA THR B 102 1.43 5.55 4.98
C THR B 102 0.95 5.63 3.53
N ILE B 103 1.87 5.45 2.59
CA ILE B 103 1.51 5.41 1.19
C ILE B 103 2.39 4.35 0.56
N SER B 104 1.78 3.40 -0.13
CA SER B 104 2.52 2.35 -0.82
C SER B 104 2.05 2.27 -2.25
N LEU B 105 2.98 1.99 -3.16
CA LEU B 105 2.67 1.96 -4.58
C LEU B 105 3.46 0.96 -5.40
N LEU B 106 2.82 0.42 -6.42
CA LEU B 106 3.48 -0.46 -7.38
C LEU B 106 3.23 0.32 -8.67
N ILE B 107 4.26 0.96 -9.18
CA ILE B 107 4.11 1.75 -10.40
C ILE B 107 5.11 1.37 -11.47
N TYR B 108 4.81 1.72 -12.71
CA TYR B 108 5.74 1.44 -13.79
C TYR B 108 6.54 2.71 -13.98
N CYS B 109 7.86 2.58 -14.09
CA CYS B 109 8.72 3.74 -14.26
C CYS B 109 9.49 3.65 -15.56
N ASN B 110 9.32 4.65 -16.41
CA ASN B 110 10.04 4.69 -17.67
C ASN B 110 11.27 5.57 -17.43
N VAL B 111 12.45 5.03 -17.72
CA VAL B 111 13.69 5.79 -17.53
C VAL B 111 14.17 6.37 -18.85
N LEU B 112 14.13 7.70 -18.95
CA LEU B 112 14.54 8.38 -20.17
C LEU B 112 16.04 8.52 -20.31
N GLY B 113 16.75 8.57 -19.17
CA GLY B 113 18.19 8.73 -19.21
C GLY B 113 18.49 10.21 -19.00
N VAL B 114 17.66 10.87 -18.22
CA VAL B 114 17.82 12.29 -17.92
C VAL B 114 17.70 12.37 -16.40
N VAL B 115 18.82 12.12 -15.74
CA VAL B 115 18.90 12.11 -14.29
C VAL B 115 17.95 13.04 -13.59
N SER B 116 17.80 14.26 -14.11
CA SER B 116 16.91 15.21 -13.46
C SER B 116 15.44 14.94 -13.69
N LEU B 117 15.15 13.95 -14.54
CA LEU B 117 13.77 13.56 -14.83
C LEU B 117 13.50 12.18 -14.25
N ASP B 118 14.49 11.30 -14.33
CA ASP B 118 14.36 9.94 -13.82
C ASP B 118 14.56 9.85 -12.31
N VAL B 119 13.66 10.47 -11.55
CA VAL B 119 13.80 10.44 -10.11
C VAL B 119 12.46 10.33 -9.38
N LEU B 120 12.44 9.49 -8.35
CA LEU B 120 11.25 9.32 -7.53
C LEU B 120 11.31 10.45 -6.52
N LYS B 121 10.25 11.25 -6.45
CA LYS B 121 10.22 12.37 -5.52
C LYS B 121 9.27 12.07 -4.37
N PHE B 122 9.62 12.54 -3.18
CA PHE B 122 8.82 12.27 -2.00
C PHE B 122 8.55 13.50 -1.19
N SER B 123 7.38 13.54 -0.56
CA SER B 123 7.01 14.65 0.27
C SER B 123 5.82 14.29 1.13
N LEU B 124 5.72 14.90 2.29
CA LEU B 124 4.60 14.66 3.17
C LEU B 124 4.52 15.83 4.13
N CYS B 125 3.44 15.90 4.89
CA CYS B 125 3.26 16.98 5.85
C CYS B 125 1.99 16.69 6.61
N ASN B 126 1.64 17.58 7.52
CA ASN B 126 0.38 17.46 8.25
C ASN B 126 -0.33 18.73 7.80
N ASP B 127 -1.63 18.66 7.53
CA ASP B 127 -2.33 19.84 7.04
C ASP B 127 -2.62 20.90 8.08
N GLY B 128 -2.34 20.60 9.35
CA GLY B 128 -2.62 21.57 10.38
C GLY B 128 -1.49 21.92 11.34
N ALA B 129 -0.32 21.29 11.16
CA ALA B 129 0.79 21.58 12.06
C ALA B 129 2.11 21.21 11.41
N ALA B 130 3.19 21.84 11.87
CA ALA B 130 4.52 21.56 11.35
C ALA B 130 5.04 20.29 12.01
N LEU B 131 5.95 19.61 11.35
CA LEU B 131 6.52 18.38 11.89
C LEU B 131 8.00 18.56 12.16
N SER B 132 8.42 18.38 13.41
CA SER B 132 9.83 18.53 13.75
C SER B 132 10.24 17.39 14.69
N ASN B 133 9.42 16.35 14.71
CA ASN B 133 9.65 15.20 15.58
C ASN B 133 9.27 13.93 14.83
N TYR B 134 9.78 13.81 13.61
CA TYR B 134 9.40 12.69 12.78
C TYR B 134 10.43 11.64 12.45
N ILE B 135 9.94 10.45 12.15
CA ILE B 135 10.79 9.35 11.73
C ILE B 135 10.09 8.99 10.42
N ILE B 136 10.81 9.10 9.32
CA ILE B 136 10.25 8.81 8.01
C ILE B 136 11.07 7.71 7.40
N ASN B 137 10.40 6.75 6.76
CA ASN B 137 11.09 5.66 6.11
C ASN B 137 10.64 5.63 4.68
N ILE B 138 11.59 5.50 3.77
CA ILE B 138 11.28 5.45 2.36
C ILE B 138 12.04 4.28 1.76
N THR B 139 11.30 3.36 1.15
CA THR B 139 11.90 2.19 0.54
C THR B 139 11.37 2.00 -0.87
N ALA B 140 12.27 1.70 -1.79
CA ALA B 140 11.90 1.48 -3.17
C ALA B 140 12.64 0.25 -3.65
N ALA B 141 11.95 -0.59 -4.40
CA ALA B 141 12.57 -1.80 -4.92
C ALA B 141 12.06 -2.05 -6.32
N LYS B 142 12.97 -2.42 -7.21
CA LYS B 142 12.61 -2.73 -8.59
C LYS B 142 12.23 -4.22 -8.57
N ILE B 143 10.97 -4.54 -8.85
CA ILE B 143 10.58 -5.94 -8.82
C ILE B 143 10.52 -6.60 -10.20
N ASN B 144 10.76 -5.81 -11.24
CA ASN B 144 10.79 -6.33 -12.61
C ASN B 144 11.43 -5.31 -13.55
N GLY C 1 11.00 -15.79 -10.40
CA GLY C 1 11.14 -17.09 -9.65
C GLY C 1 10.35 -17.13 -8.34
N GLY C 2 9.56 -16.07 -8.11
CA GLY C 2 8.75 -16.02 -6.91
C GLY C 2 9.52 -15.52 -5.71
N VAL C 3 9.03 -15.84 -4.52
CA VAL C 3 9.68 -15.41 -3.29
C VAL C 3 10.09 -16.64 -2.49
N THR C 4 11.03 -16.47 -1.57
CA THR C 4 11.51 -17.59 -0.77
C THR C 4 10.62 -17.87 0.43
N ASP C 5 10.00 -16.83 0.99
CA ASP C 5 9.14 -17.01 2.15
C ASP C 5 7.90 -16.13 2.09
N ALA C 6 6.78 -16.65 2.56
CA ALA C 6 5.53 -15.89 2.54
C ALA C 6 4.49 -16.59 3.38
N LEU C 7 3.57 -15.81 3.94
CA LEU C 7 2.51 -16.35 4.75
C LEU C 7 1.29 -15.46 4.56
N SER C 8 0.14 -16.07 4.32
CA SER C 8 -1.08 -15.33 4.13
C SER C 8 -2.11 -15.90 5.09
N LEU C 9 -2.68 -15.05 5.93
CA LEU C 9 -3.65 -15.49 6.93
C LEU C 9 -5.03 -14.89 6.81
N MSE C 10 -6.02 -15.60 7.34
CA MSE C 10 -7.38 -15.12 7.37
C MSE C 10 -7.72 -15.15 8.86
O MSE C 10 -7.65 -16.19 9.49
CB MSE C 10 -8.30 -16.04 6.55
CG MSE C 10 -9.69 -15.49 6.32
SE MSE C 10 -10.81 -15.77 7.95
CE MSE C 10 -11.37 -17.56 7.66
N TYR C 11 -8.08 -13.99 9.39
CA TYR C 11 -8.36 -13.81 10.81
C TYR C 11 -9.80 -13.35 11.05
N SER C 12 -10.53 -14.08 11.89
CA SER C 12 -11.93 -13.73 12.21
C SER C 12 -12.26 -14.26 13.60
N THR C 13 -13.46 -13.98 14.09
CA THR C 13 -13.86 -14.47 15.41
C THR C 13 -13.88 -16.00 15.44
N SER C 14 -13.99 -16.63 14.26
CA SER C 14 -14.00 -18.09 14.18
C SER C 14 -12.63 -18.62 13.89
N THR C 15 -11.70 -17.74 13.55
CA THR C 15 -10.35 -18.21 13.24
C THR C 15 -9.27 -17.49 14.04
N GLY C 16 -9.31 -17.70 15.36
CA GLY C 16 -8.31 -17.16 16.25
C GLY C 16 -8.36 -15.72 16.73
N GLY C 17 -9.34 -14.94 16.29
CA GLY C 17 -9.41 -13.56 16.71
C GLY C 17 -10.26 -13.30 17.94
N PRO C 18 -10.13 -12.11 18.54
CA PRO C 18 -10.93 -11.80 19.73
C PRO C 18 -12.41 -11.76 19.41
N ALA C 19 -13.24 -12.24 20.34
CA ALA C 19 -14.68 -12.27 20.14
C ALA C 19 -15.18 -10.87 19.88
N SER C 20 -14.42 -9.88 20.33
CA SER C 20 -14.78 -8.49 20.12
C SER C 20 -13.55 -7.61 20.20
N ILE C 21 -13.24 -6.92 19.11
CA ILE C 21 -12.08 -6.04 19.09
C ILE C 21 -12.54 -4.70 19.66
N ALA C 22 -12.00 -4.36 20.82
CA ALA C 22 -12.36 -3.12 21.53
C ALA C 22 -12.21 -1.89 20.68
N ALA C 23 -13.08 -0.91 20.92
CA ALA C 23 -13.06 0.34 20.18
C ALA C 23 -11.91 1.25 20.63
N ASN C 24 -11.47 2.09 19.70
CA ASN C 24 -10.41 3.06 19.95
C ASN C 24 -9.24 2.58 20.81
N ALA C 25 -8.63 1.47 20.42
CA ALA C 25 -7.49 0.94 21.15
C ALA C 25 -6.79 -0.02 20.20
N LEU C 26 -5.50 -0.23 20.39
CA LEU C 26 -4.74 -1.13 19.53
C LEU C 26 -3.98 -2.18 20.31
N THR C 27 -4.54 -3.37 20.41
CA THR C 27 -3.90 -4.47 21.11
C THR C 27 -3.42 -5.44 20.04
N ASP C 28 -2.15 -5.79 20.08
CA ASP C 28 -1.60 -6.71 19.08
C ASP C 28 -2.38 -8.03 19.03
N PHE C 29 -2.53 -8.56 17.83
CA PHE C 29 -3.28 -9.78 17.59
C PHE C 29 -2.52 -11.08 17.81
N ASP C 30 -3.17 -12.02 18.49
CA ASP C 30 -2.60 -13.34 18.70
C ASP C 30 -2.98 -14.01 17.38
N LEU C 31 -2.00 -14.41 16.58
CA LEU C 31 -2.31 -15.01 15.29
C LEU C 31 -2.14 -16.54 15.23
N SER C 32 -1.97 -17.17 16.39
CA SER C 32 -1.77 -18.62 16.43
C SER C 32 -2.94 -19.41 15.89
N GLY C 33 -4.15 -18.89 16.07
CA GLY C 33 -5.32 -19.59 15.59
C GLY C 33 -5.86 -19.08 14.27
N ALA C 34 -5.07 -18.28 13.55
CA ALA C 34 -5.51 -17.75 12.27
C ALA C 34 -5.45 -18.86 11.21
N LEU C 35 -6.29 -18.74 10.19
CA LEU C 35 -6.32 -19.73 9.13
C LEU C 35 -5.20 -19.43 8.15
N THR C 36 -4.37 -20.42 7.87
CA THR C 36 -3.28 -20.24 6.92
C THR C 36 -3.86 -20.43 5.52
N VAL C 37 -3.96 -19.35 4.77
CA VAL C 37 -4.50 -19.39 3.40
C VAL C 37 -3.46 -19.88 2.41
N ASN C 38 -2.23 -19.45 2.60
CA ASN C 38 -1.13 -19.84 1.73
C ASN C 38 0.16 -19.72 2.52
N SER C 39 1.10 -20.60 2.22
CA SER C 39 2.37 -20.60 2.93
C SER C 39 3.51 -20.96 1.98
N VAL C 40 4.61 -20.24 2.08
CA VAL C 40 5.77 -20.51 1.24
C VAL C 40 7.02 -20.51 2.11
N GLY C 41 7.78 -21.60 2.07
CA GLY C 41 8.99 -21.69 2.86
C GLY C 41 8.70 -21.86 4.33
N THR C 42 9.68 -21.58 5.17
CA THR C 42 9.51 -21.75 6.61
C THR C 42 9.98 -20.54 7.42
N GLY C 43 10.34 -19.47 6.73
CA GLY C 43 10.83 -18.28 7.40
C GLY C 43 9.79 -17.42 8.08
N LEU C 44 8.53 -17.52 7.67
CA LEU C 44 7.46 -16.73 8.27
C LEU C 44 6.42 -17.68 8.83
N THR C 45 6.19 -17.60 10.14
CA THR C 45 5.21 -18.49 10.77
C THR C 45 4.37 -17.72 11.75
N LYS C 46 3.10 -18.09 11.86
CA LYS C 46 2.20 -17.41 12.77
C LYS C 46 2.49 -17.80 14.22
N SER C 47 2.14 -16.92 15.16
CA SER C 47 2.36 -17.20 16.58
C SER C 47 1.47 -16.28 17.40
N ALA C 48 1.50 -16.47 18.70
CA ALA C 48 0.69 -15.66 19.60
C ALA C 48 1.13 -14.20 19.58
N ALA C 49 2.32 -13.94 19.07
CA ALA C 49 2.86 -12.59 19.02
C ALA C 49 2.60 -11.88 17.67
N GLY C 50 2.42 -12.66 16.61
CA GLY C 50 2.18 -12.09 15.28
C GLY C 50 2.78 -13.01 14.25
N ILE C 51 3.64 -12.49 13.39
CA ILE C 51 4.28 -13.36 12.40
C ILE C 51 5.78 -13.36 12.69
N GLN C 52 6.30 -14.53 13.05
CA GLN C 52 7.71 -14.71 13.38
C GLN C 52 8.62 -14.78 12.18
N LEU C 53 9.79 -14.17 12.27
CA LEU C 53 10.78 -14.24 11.21
C LEU C 53 11.86 -15.20 11.71
N ALA C 54 12.20 -16.20 10.93
CA ALA C 54 13.20 -17.17 11.33
C ALA C 54 14.60 -16.55 11.28
N ALA C 55 15.54 -17.13 12.00
CA ALA C 55 16.90 -16.63 12.02
C ALA C 55 17.49 -16.61 10.62
N GLY C 56 18.35 -15.62 10.36
CA GLY C 56 18.97 -15.49 9.05
C GLY C 56 18.07 -14.91 7.98
N LYS C 57 16.85 -14.52 8.36
CA LYS C 57 15.91 -13.99 7.39
C LYS C 57 15.80 -12.46 7.28
N SER C 58 16.90 -11.76 7.50
CA SER C 58 16.86 -10.31 7.36
C SER C 58 16.61 -9.98 5.90
N GLY C 59 15.95 -8.85 5.64
CA GLY C 59 15.67 -8.47 4.27
C GLY C 59 14.46 -7.57 4.08
N LEU C 60 13.99 -7.51 2.83
CA LEU C 60 12.84 -6.69 2.47
C LEU C 60 11.53 -7.48 2.53
N TYR C 61 10.55 -6.93 3.23
CA TYR C 61 9.26 -7.60 3.37
C TYR C 61 8.09 -6.78 2.89
N GLN C 62 7.21 -7.41 2.12
CA GLN C 62 6.01 -6.77 1.61
C GLN C 62 4.89 -7.25 2.52
N ILE C 63 4.17 -6.32 3.13
CA ILE C 63 3.12 -6.66 4.07
C ILE C 63 1.80 -5.96 3.80
N THR C 64 0.70 -6.67 3.98
CA THR C 64 -0.61 -6.09 3.78
C THR C 64 -1.58 -6.63 4.82
N MSE C 65 -2.37 -5.74 5.38
CA MSE C 65 -3.40 -6.15 6.32
C MSE C 65 -4.65 -5.41 5.92
O MSE C 65 -4.62 -4.19 5.73
CB MSE C 65 -3.03 -5.80 7.75
CG MSE C 65 -4.18 -6.09 8.71
SE MSE C 65 -3.72 -5.95 10.60
CE MSE C 65 -3.08 -4.11 10.63
N THR C 66 -5.74 -6.13 5.78
CA THR C 66 -7.00 -5.52 5.40
C THR C 66 -8.10 -5.97 6.34
N VAL C 67 -9.17 -5.19 6.40
CA VAL C 67 -10.29 -5.54 7.25
C VAL C 67 -11.62 -5.08 6.65
N LYS C 68 -12.64 -5.91 6.84
CA LYS C 68 -13.99 -5.60 6.42
C LYS C 68 -14.85 -6.00 7.62
N ASN C 69 -15.73 -5.11 8.04
CA ASN C 69 -16.63 -5.35 9.14
C ASN C 69 -17.81 -4.50 8.73
N ASN C 70 -18.59 -5.04 7.79
CA ASN C 70 -19.72 -4.34 7.19
C ASN C 70 -20.78 -3.75 8.07
N THR C 71 -20.83 -4.16 9.33
CA THR C 71 -21.82 -3.62 10.26
C THR C 71 -21.37 -2.31 10.90
N VAL C 72 -20.07 -2.01 10.79
CA VAL C 72 -19.52 -0.78 11.36
C VAL C 72 -19.09 0.12 10.21
N THR C 73 -19.93 1.11 9.92
CA THR C 73 -19.70 2.01 8.81
C THR C 73 -19.42 3.44 9.19
N THR C 74 -19.08 3.69 10.45
CA THR C 74 -18.78 5.04 10.91
C THR C 74 -17.40 5.12 11.53
N GLY C 75 -16.95 6.33 11.82
CA GLY C 75 -15.64 6.52 12.42
C GLY C 75 -14.50 6.18 11.47
N ASN C 76 -13.33 5.91 12.01
CA ASN C 76 -12.17 5.57 11.20
C ASN C 76 -11.61 4.23 11.62
N TYR C 77 -11.15 3.45 10.65
CA TYR C 77 -10.53 2.18 10.96
C TYR C 77 -9.05 2.51 11.15
N LEU C 78 -8.47 2.08 12.27
CA LEU C 78 -7.08 2.36 12.55
C LEU C 78 -6.28 1.08 12.40
N LEU C 79 -5.24 1.12 11.57
CA LEU C 79 -4.42 -0.06 11.37
C LEU C 79 -2.96 0.19 11.73
N ARG C 80 -2.31 -0.81 12.31
CA ARG C 80 -0.91 -0.66 12.71
C ARG C 80 -0.11 -1.93 12.54
N VAL C 81 1.12 -1.76 12.07
CA VAL C 81 2.04 -2.87 11.89
C VAL C 81 3.32 -2.47 12.59
N LYS C 82 3.91 -3.38 13.36
CA LYS C 82 5.16 -3.06 14.06
C LYS C 82 6.21 -4.10 13.84
N TYR C 83 7.46 -3.66 13.93
CA TYR C 83 8.59 -4.55 13.80
C TYR C 83 9.74 -3.91 14.55
N GLY C 84 10.16 -4.54 15.64
CA GLY C 84 11.24 -3.99 16.42
C GLY C 84 10.83 -2.65 16.96
N SER C 85 11.69 -1.64 16.81
CA SER C 85 11.38 -0.31 17.31
C SER C 85 10.49 0.53 16.38
N SER C 86 10.30 0.05 15.15
CA SER C 86 9.49 0.80 14.17
C SER C 86 8.02 0.38 14.19
N ASP C 87 7.14 1.33 13.95
CA ASP C 87 5.73 1.01 13.86
C ASP C 87 5.18 1.86 12.72
N PHE C 88 4.23 1.32 11.97
CA PHE C 88 3.65 2.02 10.84
C PHE C 88 2.15 2.06 11.02
N VAL C 89 1.55 3.21 10.72
CA VAL C 89 0.11 3.37 10.90
C VAL C 89 -0.62 4.05 9.74
N VAL C 90 -1.93 3.91 9.76
CA VAL C 90 -2.79 4.53 8.77
C VAL C 90 -4.20 4.55 9.35
N ALA C 91 -4.99 5.53 8.93
CA ALA C 91 -6.37 5.66 9.37
C ALA C 91 -7.23 5.66 8.11
N CYS C 92 -8.32 4.91 8.13
CA CYS C 92 -9.19 4.84 6.97
C CYS C 92 -10.63 5.17 7.30
N PRO C 93 -11.12 6.33 6.83
CA PRO C 93 -12.51 6.71 7.12
C PRO C 93 -13.51 5.66 6.67
N ALA C 94 -14.42 5.31 7.57
CA ALA C 94 -15.42 4.30 7.29
C ALA C 94 -16.64 4.88 6.61
N SER C 95 -17.29 4.06 5.80
CA SER C 95 -18.50 4.45 5.10
C SER C 95 -19.19 3.15 4.76
N SER C 96 -20.42 3.25 4.29
CA SER C 96 -21.15 2.05 3.92
C SER C 96 -20.48 1.36 2.72
N LEU C 97 -19.84 2.15 1.86
CA LEU C 97 -19.14 1.63 0.69
C LEU C 97 -17.74 1.15 1.03
N THR C 98 -17.19 1.67 2.12
CA THR C 98 -15.84 1.28 2.54
C THR C 98 -15.83 0.96 4.03
N ALA C 99 -16.50 -0.14 4.39
CA ALA C 99 -16.60 -0.59 5.78
C ALA C 99 -15.36 -1.34 6.24
N GLY C 100 -14.22 -0.65 6.27
CA GLY C 100 -13.00 -1.29 6.69
C GLY C 100 -11.81 -0.45 6.30
N GLY C 101 -10.64 -1.06 6.15
CA GLY C 101 -9.45 -0.31 5.80
C GLY C 101 -8.33 -1.17 5.29
N THR C 102 -7.25 -0.53 4.90
CA THR C 102 -6.11 -1.23 4.34
C THR C 102 -4.78 -0.55 4.67
N ILE C 103 -3.76 -1.36 4.92
CA ILE C 103 -2.42 -0.82 5.14
C ILE C 103 -1.45 -1.77 4.46
N SER C 104 -0.60 -1.23 3.61
CA SER C 104 0.39 -2.04 2.90
C SER C 104 1.75 -1.41 3.08
N LEU C 105 2.78 -2.25 3.20
CA LEU C 105 4.12 -1.75 3.47
C LEU C 105 5.23 -2.58 2.86
N LEU C 106 6.31 -1.90 2.47
CA LEU C 106 7.51 -2.57 1.98
C LEU C 106 8.53 -2.03 2.98
N ILE C 107 8.96 -2.87 3.92
CA ILE C 107 9.90 -2.44 4.93
C ILE C 107 11.12 -3.35 5.02
N TYR C 108 12.19 -2.83 5.60
CA TYR C 108 13.39 -3.63 5.76
C TYR C 108 13.30 -4.19 7.18
N CYS C 109 13.53 -5.49 7.31
CA CYS C 109 13.49 -6.12 8.62
C CYS C 109 14.82 -6.73 9.00
N ASN C 110 15.37 -6.29 10.12
CA ASN C 110 16.63 -6.83 10.60
C ASN C 110 16.29 -7.92 11.62
N VAL C 111 16.80 -9.13 11.41
CA VAL C 111 16.52 -10.24 12.31
C VAL C 111 17.69 -10.45 13.27
N LEU C 112 17.44 -10.18 14.55
CA LEU C 112 18.47 -10.31 15.57
C LEU C 112 18.68 -11.74 16.03
N GLY C 113 17.66 -12.58 15.90
CA GLY C 113 17.78 -13.95 16.35
C GLY C 113 17.21 -14.04 17.76
N VAL C 114 16.22 -13.21 18.05
CA VAL C 114 15.56 -13.19 19.35
C VAL C 114 14.08 -13.27 19.04
N VAL C 115 13.61 -14.49 18.87
CA VAL C 115 12.23 -14.76 18.52
C VAL C 115 11.22 -13.77 19.06
N SER C 116 11.37 -13.36 20.32
CA SER C 116 10.43 -12.41 20.90
C SER C 116 10.60 -10.99 20.41
N LEU C 117 11.65 -10.75 19.62
CA LEU C 117 11.91 -9.43 19.06
C LEU C 117 11.71 -9.45 17.56
N ASP C 118 12.08 -10.56 16.93
CA ASP C 118 11.93 -10.71 15.48
C ASP C 118 10.52 -11.13 15.07
N VAL C 119 9.55 -10.25 15.32
CA VAL C 119 8.18 -10.57 14.98
C VAL C 119 7.40 -9.38 14.43
N LEU C 120 6.63 -9.63 13.38
CA LEU C 120 5.78 -8.60 12.79
C LEU C 120 4.53 -8.62 13.64
N LYS C 121 4.16 -7.46 14.18
CA LYS C 121 2.96 -7.36 15.00
C LYS C 121 1.85 -6.63 14.27
N PHE C 122 0.62 -7.07 14.48
CA PHE C 122 -0.52 -6.48 13.80
C PHE C 122 -1.66 -6.12 14.73
N SER C 123 -2.36 -5.05 14.38
CA SER C 123 -3.48 -4.61 15.18
C SER C 123 -4.30 -3.62 14.39
N LEU C 124 -5.60 -3.58 14.69
CA LEU C 124 -6.47 -2.63 14.02
C LEU C 124 -7.70 -2.49 14.90
N CYS C 125 -8.55 -1.52 14.59
CA CYS C 125 -9.78 -1.30 15.35
C CYS C 125 -10.53 -0.20 14.65
N ASN C 126 -11.68 0.16 15.20
CA ASN C 126 -12.45 1.27 14.68
C ASN C 126 -12.41 2.24 15.86
N ASP C 127 -12.24 3.53 15.61
CA ASP C 127 -12.14 4.47 16.72
C ASP C 127 -13.45 4.79 17.42
N GLY C 128 -14.57 4.30 16.89
CA GLY C 128 -15.84 4.59 17.52
C GLY C 128 -16.74 3.41 17.82
N ALA C 129 -16.32 2.20 17.48
CA ALA C 129 -17.15 1.03 17.73
C ALA C 129 -16.34 -0.24 17.80
N ALA C 130 -16.85 -1.23 18.50
CA ALA C 130 -16.17 -2.52 18.62
C ALA C 130 -16.43 -3.32 17.35
N LEU C 131 -15.52 -4.23 17.02
CA LEU C 131 -15.66 -5.05 15.82
C LEU C 131 -15.84 -6.51 16.22
N SER C 132 -16.96 -7.11 15.82
CA SER C 132 -17.21 -8.53 16.13
C SER C 132 -17.77 -9.25 14.89
N ASN C 133 -17.60 -8.60 13.76
CA ASN C 133 -18.12 -9.10 12.50
C ASN C 133 -17.09 -8.84 11.39
N TYR C 134 -15.84 -9.19 11.67
CA TYR C 134 -14.79 -8.88 10.74
C TYR C 134 -14.12 -10.03 10.02
N ILE C 135 -13.56 -9.72 8.86
CA ILE C 135 -12.78 -10.66 8.07
C ILE C 135 -11.50 -9.88 7.90
N ILE C 136 -10.42 -10.41 8.43
CA ILE C 136 -9.13 -9.74 8.36
C ILE C 136 -8.17 -10.63 7.60
N ASN C 137 -7.39 -10.05 6.72
CA ASN C 137 -6.41 -10.80 5.98
C ASN C 137 -5.05 -10.18 6.21
N ILE C 138 -4.05 -11.01 6.50
CA ILE C 138 -2.70 -10.53 6.73
C ILE C 138 -1.75 -11.38 5.90
N THR C 139 -1.00 -10.73 5.03
CA THR C 139 -0.06 -11.42 4.18
C THR C 139 1.29 -10.74 4.24
N ALA C 140 2.33 -11.56 4.35
CA ALA C 140 3.69 -11.05 4.41
C ALA C 140 4.53 -11.90 3.47
N ALA C 141 5.41 -11.26 2.72
CA ALA C 141 6.28 -11.99 1.80
C ALA C 141 7.65 -11.34 1.80
N LYS C 142 8.68 -12.18 1.85
CA LYS C 142 10.06 -11.71 1.81
C LYS C 142 10.40 -11.57 0.34
N ILE C 143 10.64 -10.35 -0.14
CA ILE C 143 10.95 -10.20 -1.56
C ILE C 143 12.44 -10.06 -1.85
N ASN C 144 13.26 -10.04 -0.81
CA ASN C 144 14.71 -9.98 -0.95
C ASN C 144 15.40 -10.32 0.36
#